data_3O15
#
_entry.id   3O15
#
_cell.length_a   96.020
_cell.length_b   96.020
_cell.length_c   59.340
_cell.angle_alpha   90.000
_cell.angle_beta   90.000
_cell.angle_gamma   90.000
#
_symmetry.space_group_name_H-M   'P 42 21 2'
#
loop_
_entity.id
_entity.type
_entity.pdbx_description
1 polymer 'Thiamine-phosphate pyrophosphorylase'
2 non-polymer '4-methyl-5-[2-(phosphonooxy)ethyl]-1,3-thiazole-2-carboxylic acid'
3 non-polymer 2-TRIFLUOROMETHYL-5-METHYLENE-5H-PYRIMIDIN-4-YLIDENEAMINE
4 non-polymer 'PYROPHOSPHATE 2-'
5 water water
#
_entity_poly.entity_id   1
_entity_poly.type   'polypeptide(L)'
_entity_poly.pdbx_seq_one_letter_code
;MRGSHHHHHHGIRMTRISREMMKELLSVYFIMGSNNTKADPVTVVQKALKGGATLYQFREKGGDALTGEARIKFAEKAQA
ACREAGVPFIVNDDVELALNLKADGIHIGQEDANAKEVRAAIGDMILGVSAHTMSEVKQAEEDGADYVGLGPIYPTETKK
DTRAVQGVSLIEAVRRQGISIPIVGIGGITIDNAAPVIQAGADGVSMISAISQAEDPESAARKFREEIQTYKTGR
;
_entity_poly.pdbx_strand_id   A
#
loop_
_chem_comp.id
_chem_comp.type
_chem_comp.name
_chem_comp.formula
3NM non-polymer '4-methyl-5-[2-(phosphonooxy)ethyl]-1,3-thiazole-2-carboxylic acid' 'C7 H10 N O6 P S'
IFP non-polymer 2-TRIFLUOROMETHYL-5-METHYLENE-5H-PYRIMIDIN-4-YLIDENEAMINE 'C6 H4 F3 N3'
POP non-polymer 'PYROPHOSPHATE 2-' 'H2 O7 P2 -2'
#
# COMPACT_ATOMS: atom_id res chain seq x y z
N THR A 15 19.11 2.94 10.39
CA THR A 15 18.46 1.61 10.61
C THR A 15 17.12 1.56 9.89
N ARG A 16 16.48 0.39 9.94
CA ARG A 16 15.18 0.22 9.32
C ARG A 16 14.15 1.06 10.08
N ILE A 17 12.98 1.24 9.47
CA ILE A 17 11.91 2.01 10.11
C ILE A 17 11.45 1.28 11.36
N SER A 18 10.98 2.01 12.36
CA SER A 18 10.52 1.38 13.59
C SER A 18 9.13 0.78 13.38
N ARG A 19 8.82 -0.27 14.13
CA ARG A 19 7.52 -0.94 14.02
C ARG A 19 6.41 0.06 14.28
N GLU A 20 6.61 0.91 15.28
CA GLU A 20 5.61 1.91 15.67
C GLU A 20 5.31 2.89 14.54
N MET A 21 6.36 3.43 13.92
CA MET A 21 6.15 4.39 12.84
C MET A 21 5.56 3.70 11.61
N MET A 22 6.01 2.49 11.32
CA MET A 22 5.48 1.75 10.17
C MET A 22 3.98 1.57 10.31
N LYS A 23 3.52 1.23 11.52
CA LYS A 23 2.09 1.03 11.75
C LYS A 23 1.31 2.31 11.53
N GLU A 24 1.89 3.45 11.89
CA GLU A 24 1.21 4.74 11.69
C GLU A 24 1.09 5.07 10.20
N LEU A 25 2.14 4.76 9.43
CA LEU A 25 2.14 5.03 7.99
C LEU A 25 1.11 4.21 7.20
N LEU A 26 0.82 3.01 7.68
CA LEU A 26 -0.13 2.13 6.99
C LEU A 26 -1.59 2.51 7.13
N SER A 27 -1.90 3.43 8.04
CA SER A 27 -3.29 3.83 8.29
C SER A 27 -4.16 3.96 7.03
N VAL A 28 -3.84 4.90 6.16
CA VAL A 28 -4.60 5.09 4.92
C VAL A 28 -3.56 5.05 3.80
N TYR A 29 -3.34 3.86 3.29
CA TYR A 29 -2.33 3.57 2.25
C TYR A 29 -2.92 3.61 0.83
N PHE A 30 -2.81 4.75 0.17
CA PHE A 30 -3.33 4.91 -1.19
C PHE A 30 -2.38 4.35 -2.24
N ILE A 31 -2.92 3.53 -3.14
CA ILE A 31 -2.14 2.92 -4.23
C ILE A 31 -2.73 3.37 -5.57
N MET A 32 -1.90 3.79 -6.50
CA MET A 32 -2.45 4.22 -7.79
C MET A 32 -1.48 4.29 -8.94
N GLY A 33 -2.03 4.04 -10.14
CA GLY A 33 -1.29 4.12 -11.38
C GLY A 33 -2.15 5.03 -12.25
N SER A 34 -1.61 5.52 -13.36
CA SER A 34 -2.35 6.42 -14.24
C SER A 34 -3.62 5.83 -14.85
N ASN A 35 -3.70 4.50 -14.88
CA ASN A 35 -4.85 3.82 -15.45
C ASN A 35 -5.96 3.49 -14.47
N ASN A 36 -5.86 3.99 -13.24
CA ASN A 36 -6.89 3.72 -12.23
C ASN A 36 -7.88 4.88 -12.06
N THR A 37 -7.74 5.90 -12.89
CA THR A 37 -8.63 7.05 -12.83
C THR A 37 -8.81 7.64 -14.21
N LYS A 38 -10.00 8.20 -14.47
CA LYS A 38 -10.29 8.81 -15.75
C LYS A 38 -10.00 10.30 -15.69
N ALA A 39 -9.56 10.77 -14.52
CA ALA A 39 -9.22 12.18 -14.33
C ALA A 39 -7.71 12.30 -14.45
N ASP A 40 -7.18 13.49 -14.18
CA ASP A 40 -5.73 13.66 -14.24
C ASP A 40 -5.09 12.89 -13.09
N PRO A 41 -4.19 11.95 -13.41
CA PRO A 41 -3.50 11.11 -12.42
C PRO A 41 -2.79 11.89 -11.32
N VAL A 42 -1.96 12.85 -11.70
CA VAL A 42 -1.22 13.65 -10.73
C VAL A 42 -2.14 14.40 -9.78
N THR A 43 -3.22 14.96 -10.32
CA THR A 43 -4.16 15.70 -9.48
C THR A 43 -4.87 14.79 -8.48
N VAL A 44 -5.21 13.58 -8.91
CA VAL A 44 -5.88 12.62 -8.02
C VAL A 44 -4.96 12.28 -6.85
N VAL A 45 -3.67 12.10 -7.14
CA VAL A 45 -2.72 11.78 -6.09
C VAL A 45 -2.58 12.96 -5.11
N GLN A 46 -2.51 14.18 -5.64
CA GLN A 46 -2.38 15.36 -4.79
C GLN A 46 -3.62 15.55 -3.91
N LYS A 47 -4.79 15.22 -4.46
CA LYS A 47 -6.02 15.35 -3.68
C LYS A 47 -6.06 14.31 -2.56
N ALA A 48 -5.59 13.09 -2.85
CA ALA A 48 -5.58 12.02 -1.85
C ALA A 48 -4.64 12.40 -0.70
N LEU A 49 -3.50 13.00 -1.03
CA LEU A 49 -2.54 13.42 -0.01
C LEU A 49 -3.12 14.59 0.81
N LYS A 50 -3.73 15.54 0.13
CA LYS A 50 -4.32 16.68 0.82
C LYS A 50 -5.40 16.20 1.78
N GLY A 51 -6.16 15.19 1.36
CA GLY A 51 -7.23 14.66 2.19
C GLY A 51 -6.81 13.90 3.44
N GLY A 52 -5.65 13.23 3.39
CA GLY A 52 -5.18 12.51 4.56
C GLY A 52 -4.47 11.19 4.34
N ALA A 53 -4.23 10.79 3.09
CA ALA A 53 -3.52 9.52 2.87
C ALA A 53 -2.19 9.60 3.64
N THR A 54 -1.83 8.52 4.33
CA THR A 54 -0.60 8.50 5.13
C THR A 54 0.59 7.83 4.44
N LEU A 55 0.32 7.21 3.29
CA LEU A 55 1.38 6.54 2.54
C LEU A 55 0.86 6.39 1.11
N TYR A 56 1.77 6.43 0.14
CA TYR A 56 1.38 6.29 -1.26
C TYR A 56 2.30 5.33 -2.00
N GLN A 57 1.69 4.48 -2.83
CA GLN A 57 2.45 3.51 -3.62
C GLN A 57 2.25 3.75 -5.11
N PHE A 58 3.36 3.89 -5.83
CA PHE A 58 3.34 4.10 -7.27
C PHE A 58 3.21 2.71 -7.89
N ARG A 59 2.05 2.43 -8.48
CA ARG A 59 1.77 1.14 -9.10
C ARG A 59 1.23 1.37 -10.51
N GLU A 60 2.11 1.26 -11.49
CA GLU A 60 1.72 1.49 -12.88
C GLU A 60 1.76 0.16 -13.65
N LYS A 61 0.62 -0.51 -13.75
CA LYS A 61 0.58 -1.79 -14.47
C LYS A 61 -0.72 -2.03 -15.24
N GLY A 62 -0.74 -3.15 -15.96
CA GLY A 62 -1.91 -3.50 -16.73
C GLY A 62 -1.86 -2.94 -18.14
N GLY A 63 -3.02 -2.94 -18.80
CA GLY A 63 -3.10 -2.42 -20.15
C GLY A 63 -3.24 -0.91 -20.19
N ASP A 64 -2.53 -0.31 -21.12
CA ASP A 64 -2.53 1.14 -21.32
C ASP A 64 -1.71 1.87 -20.28
N ALA A 65 -0.89 1.12 -19.54
CA ALA A 65 -0.03 1.73 -18.52
C ALA A 65 1.02 2.57 -19.22
N LEU A 66 1.50 3.61 -18.54
CA LEU A 66 2.54 4.46 -19.11
C LEU A 66 3.83 3.65 -19.15
N THR A 67 4.67 3.93 -20.14
CA THR A 67 5.95 3.24 -20.29
C THR A 67 7.05 4.25 -20.58
N GLY A 68 8.29 3.83 -20.39
CA GLY A 68 9.43 4.69 -20.66
C GLY A 68 9.45 6.04 -19.96
N GLU A 69 9.85 7.06 -20.70
CA GLU A 69 9.94 8.41 -20.17
C GLU A 69 8.64 8.92 -19.55
N ALA A 70 7.51 8.62 -20.21
CA ALA A 70 6.21 9.06 -19.72
C ALA A 70 5.94 8.48 -18.33
N ARG A 71 6.35 7.24 -18.12
CA ARG A 71 6.16 6.57 -16.85
C ARG A 71 7.03 7.23 -15.78
N ILE A 72 8.28 7.51 -16.14
CA ILE A 72 9.22 8.15 -15.21
C ILE A 72 8.72 9.53 -14.80
N LYS A 73 8.26 10.31 -15.76
CA LYS A 73 7.77 11.67 -15.49
C LYS A 73 6.59 11.65 -14.54
N PHE A 74 5.69 10.67 -14.71
CA PHE A 74 4.54 10.57 -13.81
C PHE A 74 5.07 10.20 -12.43
N ALA A 75 5.95 9.21 -12.38
CA ALA A 75 6.55 8.77 -11.12
C ALA A 75 7.18 9.93 -10.38
N GLU A 76 7.95 10.75 -11.11
CA GLU A 76 8.63 11.89 -10.53
C GLU A 76 7.64 12.93 -9.97
N LYS A 77 6.54 13.14 -10.69
CA LYS A 77 5.52 14.09 -10.25
C LYS A 77 4.80 13.57 -9.01
N ALA A 78 4.51 12.27 -9.00
CA ALA A 78 3.84 11.66 -7.87
C ALA A 78 4.71 11.77 -6.64
N GLN A 79 6.00 11.51 -6.81
CA GLN A 79 6.95 11.57 -5.71
C GLN A 79 7.11 13.00 -5.19
N ALA A 80 6.99 13.98 -6.07
CA ALA A 80 7.12 15.38 -5.66
C ALA A 80 5.92 15.76 -4.79
N ALA A 81 4.73 15.30 -5.18
CA ALA A 81 3.53 15.59 -4.40
C ALA A 81 3.67 14.95 -3.03
N CYS A 82 4.23 13.73 -2.99
CA CYS A 82 4.43 13.04 -1.72
C CYS A 82 5.39 13.83 -0.83
N ARG A 83 6.51 14.28 -1.40
CA ARG A 83 7.48 15.07 -0.64
C ARG A 83 6.86 16.32 -0.05
N GLU A 84 6.12 17.05 -0.88
CA GLU A 84 5.48 18.29 -0.44
C GLU A 84 4.42 18.07 0.63
N ALA A 85 3.84 16.88 0.68
CA ALA A 85 2.83 16.57 1.67
C ALA A 85 3.45 15.88 2.88
N GLY A 86 4.75 15.59 2.79
CA GLY A 86 5.44 14.94 3.89
C GLY A 86 5.04 13.48 4.07
N VAL A 87 4.65 12.82 2.99
CA VAL A 87 4.24 11.42 3.02
C VAL A 87 5.26 10.57 2.25
N PRO A 88 5.65 9.40 2.79
CA PRO A 88 6.62 8.54 2.09
C PRO A 88 6.12 8.06 0.73
N PHE A 89 7.07 7.84 -0.18
CA PHE A 89 6.77 7.39 -1.55
C PHE A 89 7.27 5.97 -1.72
N ILE A 90 6.34 5.05 -2.00
CA ILE A 90 6.68 3.64 -2.18
C ILE A 90 6.54 3.24 -3.64
N VAL A 91 7.49 2.46 -4.14
CA VAL A 91 7.44 2.00 -5.53
C VAL A 91 7.05 0.53 -5.57
N ASN A 92 6.14 0.17 -6.48
CA ASN A 92 5.73 -1.22 -6.60
C ASN A 92 6.63 -1.98 -7.58
N ASP A 93 7.09 -3.15 -7.16
CA ASP A 93 7.93 -4.05 -7.97
C ASP A 93 9.31 -3.64 -8.48
N ASP A 94 9.40 -2.45 -9.08
CA ASP A 94 10.65 -1.97 -9.68
C ASP A 94 11.75 -1.58 -8.71
N VAL A 95 12.61 -2.52 -8.35
CA VAL A 95 13.70 -2.21 -7.42
C VAL A 95 14.65 -1.17 -7.99
N GLU A 96 14.99 -1.31 -9.27
CA GLU A 96 15.90 -0.39 -9.95
C GLU A 96 15.36 1.05 -9.91
N LEU A 97 14.08 1.20 -10.19
CA LEU A 97 13.44 2.53 -10.18
C LEU A 97 13.45 3.08 -8.76
N ALA A 98 13.10 2.23 -7.79
CA ALA A 98 13.08 2.66 -6.40
C ALA A 98 14.45 3.24 -6.03
N LEU A 99 15.52 2.52 -6.39
CA LEU A 99 16.86 2.98 -6.09
C LEU A 99 17.19 4.26 -6.86
N ASN A 100 16.87 4.29 -8.15
CA ASN A 100 17.12 5.46 -8.99
C ASN A 100 16.43 6.73 -8.49
N LEU A 101 15.16 6.62 -8.11
CA LEU A 101 14.41 7.76 -7.62
C LEU A 101 14.64 8.08 -6.15
N LYS A 102 15.41 7.22 -5.47
CA LYS A 102 15.67 7.41 -4.05
C LYS A 102 14.31 7.35 -3.33
N ALA A 103 13.49 6.38 -3.69
CA ALA A 103 12.17 6.22 -3.08
C ALA A 103 12.32 5.85 -1.61
N ASP A 104 11.25 6.03 -0.86
CA ASP A 104 11.27 5.71 0.56
C ASP A 104 11.07 4.22 0.79
N GLY A 105 10.56 3.53 -0.23
CA GLY A 105 10.35 2.11 -0.08
C GLY A 105 9.97 1.38 -1.35
N ILE A 106 9.80 0.07 -1.21
CA ILE A 106 9.45 -0.79 -2.34
C ILE A 106 8.49 -1.86 -1.85
N HIS A 107 7.53 -2.22 -2.68
CA HIS A 107 6.57 -3.26 -2.34
C HIS A 107 6.71 -4.37 -3.40
N ILE A 108 6.85 -5.61 -2.95
CA ILE A 108 7.01 -6.74 -3.86
C ILE A 108 6.00 -7.87 -3.57
N GLY A 109 5.73 -8.68 -4.59
CA GLY A 109 4.83 -9.80 -4.45
C GLY A 109 5.60 -11.10 -4.26
N GLN A 110 4.87 -12.22 -4.19
CA GLN A 110 5.50 -13.52 -3.98
C GLN A 110 6.27 -14.09 -5.17
N GLU A 111 5.81 -13.79 -6.39
CA GLU A 111 6.45 -14.29 -7.60
C GLU A 111 7.45 -13.30 -8.20
N ASP A 112 7.30 -12.04 -7.84
CA ASP A 112 8.16 -10.98 -8.36
C ASP A 112 9.64 -11.09 -8.03
N ALA A 113 9.96 -11.50 -6.82
CA ALA A 113 11.37 -11.58 -6.46
C ALA A 113 11.65 -12.38 -5.21
N ASN A 114 12.91 -12.29 -4.79
CA ASN A 114 13.41 -12.96 -3.60
C ASN A 114 13.52 -11.85 -2.56
N ALA A 115 12.59 -11.85 -1.60
CA ALA A 115 12.56 -10.83 -0.56
C ALA A 115 13.87 -10.62 0.19
N LYS A 116 14.55 -11.71 0.52
CA LYS A 116 15.82 -11.58 1.24
C LYS A 116 16.85 -10.81 0.41
N GLU A 117 16.88 -11.08 -0.90
CA GLU A 117 17.81 -10.38 -1.77
C GLU A 117 17.41 -8.92 -1.97
N VAL A 118 16.11 -8.65 -2.02
CA VAL A 118 15.65 -7.27 -2.18
C VAL A 118 16.03 -6.49 -0.92
N ARG A 119 15.84 -7.09 0.25
CA ARG A 119 16.18 -6.40 1.50
C ARG A 119 17.65 -6.01 1.52
N ALA A 120 18.51 -6.88 0.99
CA ALA A 120 19.94 -6.60 0.96
C ALA A 120 20.30 -5.49 -0.03
N ALA A 121 19.55 -5.41 -1.12
CA ALA A 121 19.81 -4.42 -2.16
C ALA A 121 19.27 -3.00 -1.92
N ILE A 122 18.29 -2.89 -1.03
CA ILE A 122 17.68 -1.58 -0.77
C ILE A 122 18.13 -0.87 0.50
N GLY A 123 19.13 -1.43 1.19
CA GLY A 123 19.60 -0.80 2.41
C GLY A 123 18.51 -0.77 3.47
N ASP A 124 18.25 0.41 4.04
CA ASP A 124 17.23 0.52 5.08
C ASP A 124 15.88 1.03 4.60
N MET A 125 15.64 0.99 3.30
CA MET A 125 14.37 1.44 2.75
C MET A 125 13.23 0.58 3.29
N ILE A 126 12.01 1.13 3.23
CA ILE A 126 10.83 0.40 3.68
C ILE A 126 10.58 -0.75 2.72
N LEU A 127 10.35 -1.94 3.26
CA LEU A 127 10.08 -3.10 2.42
C LEU A 127 8.73 -3.71 2.72
N GLY A 128 7.88 -3.76 1.70
CA GLY A 128 6.56 -4.33 1.86
C GLY A 128 6.45 -5.60 1.02
N VAL A 129 5.79 -6.61 1.57
CA VAL A 129 5.62 -7.86 0.85
C VAL A 129 4.17 -8.32 0.94
N SER A 130 3.62 -8.73 -0.20
CA SER A 130 2.25 -9.25 -0.25
C SER A 130 2.27 -10.68 0.27
N ALA A 131 1.39 -10.98 1.22
CA ALA A 131 1.31 -12.31 1.79
C ALA A 131 -0.16 -12.75 1.80
N HIS A 132 -0.39 -14.05 1.70
CA HIS A 132 -1.76 -14.56 1.68
C HIS A 132 -2.04 -15.70 2.66
N THR A 133 -0.97 -16.26 3.21
CA THR A 133 -1.11 -17.35 4.17
C THR A 133 -0.26 -17.08 5.40
N MET A 134 -0.53 -17.83 6.47
CA MET A 134 0.21 -17.69 7.71
C MET A 134 1.71 -17.86 7.48
N SER A 135 2.08 -18.93 6.77
CA SER A 135 3.50 -19.17 6.49
C SER A 135 4.13 -18.04 5.70
N GLU A 136 3.40 -17.46 4.74
CA GLU A 136 3.97 -16.36 3.95
C GLU A 136 4.22 -15.14 4.83
N VAL A 137 3.32 -14.89 5.78
CA VAL A 137 3.50 -13.75 6.67
C VAL A 137 4.77 -13.93 7.49
N LYS A 138 4.92 -15.11 8.09
CA LYS A 138 6.10 -15.39 8.91
C LYS A 138 7.39 -15.33 8.09
N GLN A 139 7.34 -15.85 6.86
CA GLN A 139 8.53 -15.84 6.00
C GLN A 139 8.92 -14.42 5.61
N ALA A 140 7.92 -13.59 5.36
CA ALA A 140 8.15 -12.19 4.98
C ALA A 140 8.90 -11.47 6.10
N GLU A 141 8.46 -11.67 7.34
CA GLU A 141 9.14 -11.01 8.45
C GLU A 141 10.57 -11.54 8.58
N GLU A 142 10.73 -12.85 8.46
CA GLU A 142 12.05 -13.46 8.57
C GLU A 142 12.98 -12.94 7.46
N ASP A 143 12.41 -12.67 6.29
CA ASP A 143 13.19 -12.18 5.16
C ASP A 143 13.57 -10.70 5.29
N GLY A 144 12.93 -9.98 6.20
CA GLY A 144 13.28 -8.58 6.40
C GLY A 144 12.21 -7.56 6.05
N ALA A 145 10.99 -7.99 5.80
CA ALA A 145 9.90 -7.08 5.47
C ALA A 145 9.56 -6.18 6.65
N ASP A 146 9.21 -4.93 6.36
CA ASP A 146 8.83 -3.98 7.41
C ASP A 146 7.31 -4.03 7.60
N TYR A 147 6.62 -4.52 6.57
CA TYR A 147 5.17 -4.67 6.64
C TYR A 147 4.71 -5.69 5.62
N VAL A 148 3.52 -6.23 5.85
CA VAL A 148 2.94 -7.22 4.95
C VAL A 148 1.57 -6.73 4.50
N GLY A 149 1.28 -6.96 3.22
CA GLY A 149 -0.01 -6.58 2.67
C GLY A 149 -0.82 -7.85 2.51
N LEU A 150 -1.95 -7.92 3.21
CA LEU A 150 -2.81 -9.11 3.13
C LEU A 150 -4.09 -8.84 2.38
N GLY A 151 -4.45 -9.75 1.48
CA GLY A 151 -5.67 -9.60 0.73
C GLY A 151 -5.83 -10.68 -0.34
N PRO A 152 -6.88 -10.60 -1.15
CA PRO A 152 -7.90 -9.55 -1.08
C PRO A 152 -8.87 -9.78 0.07
N ILE A 153 -9.18 -8.72 0.81
CA ILE A 153 -10.09 -8.82 1.93
C ILE A 153 -11.53 -8.97 1.43
N TYR A 154 -11.90 -8.16 0.43
CA TYR A 154 -13.24 -8.22 -0.15
C TYR A 154 -13.12 -8.38 -1.67
N PRO A 155 -14.23 -8.74 -2.33
CA PRO A 155 -14.20 -8.91 -3.79
C PRO A 155 -13.69 -7.65 -4.49
N THR A 156 -12.76 -7.82 -5.43
CA THR A 156 -12.18 -6.71 -6.16
C THR A 156 -12.24 -6.91 -7.67
N GLU A 157 -12.20 -5.80 -8.42
CA GLU A 157 -12.23 -5.84 -9.88
C GLU A 157 -11.12 -4.97 -10.45
N THR A 158 -10.40 -4.26 -9.59
CA THR A 158 -9.33 -3.37 -10.00
C THR A 158 -8.07 -4.11 -10.45
N LYS A 159 -7.66 -5.11 -9.69
CA LYS A 159 -6.48 -5.87 -10.02
C LYS A 159 -6.83 -6.97 -11.03
N LYS A 160 -7.73 -7.87 -10.66
CA LYS A 160 -8.17 -8.95 -11.52
C LYS A 160 -7.04 -9.94 -11.81
N ASP A 161 -6.34 -10.33 -10.74
CA ASP A 161 -5.24 -11.28 -10.80
C ASP A 161 -4.85 -11.56 -9.35
N THR A 162 -5.86 -11.56 -8.49
CA THR A 162 -5.70 -11.80 -7.06
C THR A 162 -6.13 -13.22 -6.70
N ARG A 163 -5.91 -13.59 -5.44
CA ARG A 163 -6.30 -14.90 -4.96
C ARG A 163 -7.75 -14.76 -4.49
N ALA A 164 -8.35 -15.86 -4.03
CA ALA A 164 -9.72 -15.82 -3.56
C ALA A 164 -9.85 -14.89 -2.36
N VAL A 165 -11.01 -14.25 -2.24
CA VAL A 165 -11.28 -13.34 -1.13
C VAL A 165 -11.07 -14.13 0.17
N GLN A 166 -10.53 -13.49 1.19
CA GLN A 166 -10.26 -14.19 2.44
C GLN A 166 -10.84 -13.51 3.69
N GLY A 167 -11.50 -12.37 3.50
CA GLY A 167 -12.06 -11.67 4.64
C GLY A 167 -10.97 -11.30 5.64
N VAL A 168 -11.35 -11.11 6.90
CA VAL A 168 -10.39 -10.73 7.93
C VAL A 168 -9.97 -11.90 8.82
N SER A 169 -10.33 -13.12 8.44
CA SER A 169 -9.99 -14.30 9.24
C SER A 169 -8.49 -14.54 9.39
N LEU A 170 -7.73 -14.32 8.33
CA LEU A 170 -6.28 -14.52 8.40
C LEU A 170 -5.62 -13.48 9.30
N ILE A 171 -6.10 -12.24 9.23
CA ILE A 171 -5.55 -11.18 10.07
C ILE A 171 -5.77 -11.55 11.53
N GLU A 172 -6.97 -12.03 11.86
CA GLU A 172 -7.28 -12.43 13.23
C GLU A 172 -6.39 -13.57 13.67
N ALA A 173 -6.18 -14.55 12.79
CA ALA A 173 -5.33 -15.70 13.10
C ALA A 173 -3.89 -15.28 13.35
N VAL A 174 -3.38 -14.38 12.51
CA VAL A 174 -2.01 -13.90 12.66
C VAL A 174 -1.81 -13.27 14.04
N ARG A 175 -2.70 -12.36 14.41
CA ARG A 175 -2.60 -11.70 15.70
C ARG A 175 -2.76 -12.66 16.87
N ARG A 176 -3.66 -13.63 16.71
CA ARG A 176 -3.90 -14.63 17.74
C ARG A 176 -2.63 -15.40 18.06
N GLN A 177 -1.79 -15.63 17.05
CA GLN A 177 -0.54 -16.35 17.24
C GLN A 177 0.57 -15.50 17.87
N GLY A 178 0.33 -14.20 17.97
CA GLY A 178 1.32 -13.31 18.56
C GLY A 178 2.22 -12.63 17.56
N ILE A 179 1.91 -12.77 16.27
CA ILE A 179 2.70 -12.15 15.23
C ILE A 179 2.39 -10.65 15.24
N SER A 180 3.42 -9.83 15.41
CA SER A 180 3.26 -8.39 15.53
C SER A 180 3.67 -7.54 14.34
N ILE A 181 4.14 -8.16 13.26
CA ILE A 181 4.56 -7.39 12.09
C ILE A 181 3.44 -6.46 11.61
N PRO A 182 3.80 -5.24 11.17
CA PRO A 182 2.79 -4.29 10.68
C PRO A 182 2.00 -4.93 9.53
N ILE A 183 0.68 -4.80 9.57
CA ILE A 183 -0.16 -5.41 8.54
C ILE A 183 -1.13 -4.39 7.94
N VAL A 184 -1.26 -4.42 6.62
CA VAL A 184 -2.21 -3.55 5.94
C VAL A 184 -3.12 -4.44 5.10
N GLY A 185 -4.43 -4.18 5.16
CA GLY A 185 -5.38 -4.97 4.39
C GLY A 185 -5.60 -4.34 3.03
N ILE A 186 -5.88 -5.16 2.02
CA ILE A 186 -6.12 -4.63 0.68
C ILE A 186 -7.11 -5.48 -0.08
N GLY A 187 -7.84 -4.84 -1.00
CA GLY A 187 -8.81 -5.56 -1.81
C GLY A 187 -10.26 -5.22 -1.56
N GLY A 188 -10.84 -4.41 -2.43
CA GLY A 188 -12.25 -4.03 -2.29
C GLY A 188 -12.61 -3.29 -1.03
N ILE A 189 -11.66 -2.54 -0.48
CA ILE A 189 -11.92 -1.78 0.75
C ILE A 189 -12.57 -0.43 0.44
N THR A 190 -13.60 -0.12 1.21
CA THR A 190 -14.35 1.13 1.06
C THR A 190 -14.50 1.72 2.45
N ILE A 191 -15.00 2.95 2.51
CA ILE A 191 -15.19 3.62 3.79
C ILE A 191 -16.16 2.82 4.67
N ASP A 192 -17.06 2.05 4.05
CA ASP A 192 -18.04 1.27 4.80
C ASP A 192 -17.62 -0.12 5.27
N ASN A 193 -16.52 -0.66 4.74
CA ASN A 193 -16.09 -2.00 5.17
C ASN A 193 -14.67 -2.03 5.74
N ALA A 194 -14.08 -0.85 5.90
CA ALA A 194 -12.72 -0.74 6.43
C ALA A 194 -12.63 -1.09 7.92
N ALA A 195 -13.59 -0.60 8.70
CA ALA A 195 -13.60 -0.83 10.15
C ALA A 195 -13.28 -2.26 10.58
N PRO A 196 -13.99 -3.27 10.03
CA PRO A 196 -13.72 -4.65 10.41
C PRO A 196 -12.27 -5.10 10.20
N VAL A 197 -11.59 -4.47 9.25
CA VAL A 197 -10.20 -4.83 8.96
C VAL A 197 -9.30 -4.35 10.09
N ILE A 198 -9.58 -3.16 10.59
CA ILE A 198 -8.80 -2.60 11.70
C ILE A 198 -9.14 -3.38 12.98
N GLN A 199 -10.41 -3.68 13.17
CA GLN A 199 -10.86 -4.41 14.35
C GLN A 199 -10.26 -5.81 14.41
N ALA A 200 -10.04 -6.41 13.25
CA ALA A 200 -9.45 -7.75 13.20
C ALA A 200 -7.98 -7.72 13.59
N GLY A 201 -7.40 -6.52 13.62
CA GLY A 201 -6.01 -6.40 14.00
C GLY A 201 -5.06 -5.77 12.99
N ALA A 202 -5.58 -5.33 11.84
CA ALA A 202 -4.71 -4.71 10.84
C ALA A 202 -4.31 -3.32 11.31
N ASP A 203 -3.17 -2.84 10.84
CA ASP A 203 -2.68 -1.52 11.23
C ASP A 203 -3.16 -0.44 10.28
N GLY A 204 -3.88 -0.84 9.24
CA GLY A 204 -4.38 0.12 8.29
C GLY A 204 -5.03 -0.57 7.12
N VAL A 205 -5.54 0.23 6.18
CA VAL A 205 -6.17 -0.29 4.99
C VAL A 205 -5.55 0.37 3.77
N SER A 206 -5.49 -0.37 2.67
CA SER A 206 -4.93 0.11 1.43
C SER A 206 -6.04 0.08 0.39
N MET A 207 -6.04 1.02 -0.53
CA MET A 207 -7.08 1.05 -1.55
C MET A 207 -6.67 1.78 -2.82
N ILE A 208 -7.35 1.44 -3.91
CA ILE A 208 -7.14 2.08 -5.20
C ILE A 208 -8.43 2.79 -5.61
N SER A 209 -9.42 2.03 -6.08
CA SER A 209 -10.68 2.60 -6.56
C SER A 209 -11.49 3.46 -5.59
N ALA A 210 -11.56 3.06 -4.33
CA ALA A 210 -12.32 3.82 -3.34
C ALA A 210 -11.93 5.31 -3.35
N ILE A 211 -10.70 5.60 -3.75
CA ILE A 211 -10.25 6.99 -3.82
C ILE A 211 -10.00 7.45 -5.26
N SER A 212 -9.27 6.66 -6.05
CA SER A 212 -8.94 7.04 -7.43
C SER A 212 -10.14 7.30 -8.32
N GLN A 213 -11.25 6.61 -8.08
CA GLN A 213 -12.44 6.79 -8.89
C GLN A 213 -13.56 7.55 -8.19
N ALA A 214 -13.27 8.03 -6.99
CA ALA A 214 -14.27 8.79 -6.23
C ALA A 214 -14.50 10.13 -6.91
N GLU A 215 -15.73 10.62 -6.86
CA GLU A 215 -16.03 11.91 -7.48
C GLU A 215 -15.22 12.98 -6.73
N ASP A 216 -14.95 12.74 -5.45
CA ASP A 216 -14.20 13.67 -4.62
C ASP A 216 -13.10 12.91 -3.88
N PRO A 217 -11.95 12.70 -4.55
CA PRO A 217 -10.80 11.98 -3.96
C PRO A 217 -10.30 12.55 -2.63
N GLU A 218 -10.26 13.88 -2.52
CA GLU A 218 -9.79 14.53 -1.30
C GLU A 218 -10.68 14.18 -0.11
N SER A 219 -11.97 14.32 -0.31
CA SER A 219 -12.94 14.03 0.73
C SER A 219 -12.93 12.53 1.08
N ALA A 220 -12.72 11.69 0.08
CA ALA A 220 -12.68 10.25 0.30
C ALA A 220 -11.52 9.88 1.24
N ALA A 221 -10.34 10.42 0.95
CA ALA A 221 -9.17 10.15 1.77
C ALA A 221 -9.38 10.70 3.18
N ARG A 222 -10.07 11.83 3.27
CA ARG A 222 -10.33 12.45 4.56
C ARG A 222 -11.22 11.57 5.42
N LYS A 223 -12.26 11.01 4.82
CA LYS A 223 -13.17 10.14 5.55
C LYS A 223 -12.43 8.87 6.02
N PHE A 224 -11.58 8.33 5.16
CA PHE A 224 -10.81 7.14 5.54
C PHE A 224 -9.92 7.48 6.74
N ARG A 225 -9.26 8.63 6.66
CA ARG A 225 -8.35 9.08 7.72
C ARG A 225 -9.06 9.11 9.08
N GLU A 226 -10.22 9.76 9.11
CA GLU A 226 -11.02 9.86 10.34
C GLU A 226 -11.51 8.51 10.83
N GLU A 227 -11.97 7.67 9.90
CA GLU A 227 -12.50 6.34 10.23
C GLU A 227 -11.42 5.43 10.84
N ILE A 228 -10.24 5.39 10.21
CA ILE A 228 -9.16 4.55 10.70
C ILE A 228 -8.67 5.06 12.06
N GLN A 229 -8.56 6.38 12.19
CA GLN A 229 -8.12 7.00 13.43
C GLN A 229 -9.06 6.56 14.57
N THR A 230 -10.36 6.61 14.30
CA THR A 230 -11.35 6.24 15.30
C THR A 230 -11.22 4.81 15.80
N TYR A 231 -11.00 3.86 14.90
CA TYR A 231 -10.87 2.47 15.31
C TYR A 231 -9.51 2.07 15.85
N LYS A 232 -8.47 2.85 15.55
CA LYS A 232 -7.14 2.56 16.05
C LYS A 232 -6.98 3.14 17.45
N THR A 233 -7.80 4.14 17.78
CA THR A 233 -7.74 4.76 19.11
C THR A 233 -8.04 3.72 20.18
N 3NM B . -3.60 -6.43 -4.68
P 3NM B . -9.12 -1.76 -4.99
S 3NM B . -6.07 -6.40 -4.26
C1 3NM B . -3.13 -4.33 -5.99
O1 3NM B . -5.27 -9.08 -2.88
C2 3NM B . -4.05 -5.31 -5.25
O2 3NM B . -3.10 -8.79 -3.13
C3 3NM B . -4.55 -7.15 -4.08
O3 3NM B . -7.75 -2.35 -5.60
C4 3NM B . -4.28 -8.45 -3.30
O4 3NM B . -10.08 -3.04 -4.78
C5 3NM B . -5.42 -5.08 -5.13
O5 3NM B . -9.79 -0.86 -6.13
C6 3NM B . -6.11 -3.98 -5.62
O6 3NM B . -8.89 -1.02 -3.73
C7 3NM B . -7.47 -3.74 -5.49
N1A IFP C . -0.85 -5.15 -0.94
C2A IFP C . -0.23 -3.98 -1.11
CM2 IFP C . -0.06 -3.09 0.08
N3A IFP C . 0.26 -3.56 -2.27
C4A IFP C . 0.15 -4.31 -3.41
N4A IFP C . 0.63 -3.87 -4.56
C5A IFP C . -0.55 -5.65 -3.30
C6A IFP C . -1.04 -6.01 -1.94
C7A IFP C . -0.72 -6.48 -4.36
F1 IFP C . 0.61 -3.79 1.09
F2 IFP C . -1.32 -2.74 0.57
F3 IFP C . 0.68 -1.96 -0.25
P1 POP D . 0.90 -6.45 -7.86
O1 POP D . 0.64 -5.25 -6.92
O2 POP D . 2.47 -6.50 -8.24
O3 POP D . 0.06 -6.26 -9.15
O POP D . 0.43 -7.83 -7.14
P2 POP D . 1.61 -8.43 -6.20
O4 POP D . 2.19 -7.34 -5.28
O5 POP D . 1.00 -9.62 -5.30
O6 POP D . 2.74 -9.02 -7.10
#